data_2GPU
#
_entry.id   2GPU
#
_cell.length_a   64.01
_cell.length_b   64.01
_cell.length_c   138.23
_cell.angle_alpha   90
_cell.angle_beta   90
_cell.angle_gamma   90
#
_symmetry.space_group_name_H-M   'P 41 21 2'
#
loop_
_entity.id
_entity.type
_entity.pdbx_description
1 polymer 'Estrogen-related receptor gamma'
2 non-polymer 4-HYDROXYTAMOXIFEN
3 water water
#
_entity_poly.entity_id   1
_entity_poly.type   'polypeptide(L)'
_entity_poly.pdbx_seq_one_letter_code
;PAKKPYNKIVSHLLVAEPEKIYAMPDPTVPDSDIKALTTLCDLADRELVVIIGWAKHIPGFSTLSLADQMSLLQSAWMEI
LILGVVYRSLSFEDELVYADDYIMDEDQSKLAGLLDLNNAILQLVKKYKSMKLEKEEFVTLKAIALANSDSMHIEDVEAV
QKLQDVLHEALQDYEAGQHMEDPRRAGKMLMTLPLLRQTSTKAVQHFYNIKLEGKVPMHKLFLEMLEAKV
;
_entity_poly.pdbx_strand_id   A
#
loop_
_chem_comp.id
_chem_comp.type
_chem_comp.name
_chem_comp.formula
OHT non-polymer 4-HYDROXYTAMOXIFEN 'C26 H29 N O2'
#
# COMPACT_ATOMS: atom_id res chain seq x y z
N TYR A 6 16.00 -19.13 -4.21
CA TYR A 6 15.16 -17.96 -3.81
C TYR A 6 14.49 -17.31 -5.04
N ASN A 7 13.26 -16.83 -4.84
CA ASN A 7 12.46 -16.33 -5.95
C ASN A 7 12.98 -14.98 -6.45
N LYS A 8 13.21 -14.86 -7.75
CA LYS A 8 13.81 -13.63 -8.31
C LYS A 8 12.90 -12.42 -8.22
N ILE A 9 11.61 -12.61 -8.46
CA ILE A 9 10.65 -11.49 -8.36
C ILE A 9 10.69 -10.95 -6.93
N VAL A 10 10.69 -11.83 -5.95
CA VAL A 10 10.73 -11.37 -4.54
C VAL A 10 12.04 -10.60 -4.30
N SER A 11 13.16 -11.13 -4.77
CA SER A 11 14.45 -10.45 -4.64
C SER A 11 14.44 -9.08 -5.27
N HIS A 12 13.86 -8.99 -6.47
CA HIS A 12 13.74 -7.76 -7.20
C HIS A 12 12.89 -6.77 -6.42
N LEU A 13 11.77 -7.24 -5.89
CA LEU A 13 10.91 -6.33 -5.15
C LEU A 13 11.63 -5.77 -3.92
N LEU A 14 12.46 -6.58 -3.29
CA LEU A 14 13.21 -6.13 -2.12
C LEU A 14 14.17 -5.01 -2.51
N VAL A 15 14.88 -5.15 -3.63
CA VAL A 15 15.79 -4.06 -4.03
C VAL A 15 15.08 -2.81 -4.54
N ALA A 16 13.83 -2.97 -4.99
CA ALA A 16 13.03 -1.86 -5.46
C ALA A 16 12.39 -1.08 -4.30
N GLU A 17 12.53 -1.60 -3.09
CA GLU A 17 11.86 -1.01 -1.95
C GLU A 17 12.38 0.41 -1.71
N PRO A 18 11.47 1.39 -1.66
CA PRO A 18 11.91 2.77 -1.34
C PRO A 18 12.57 2.96 0.01
N GLU A 19 13.41 3.98 0.11
CA GLU A 19 14.02 4.38 1.39
C GLU A 19 12.97 4.95 2.34
N LYS A 20 13.27 4.90 3.63
CA LYS A 20 12.40 5.55 4.66
C LYS A 20 12.22 7.05 4.38
N ILE A 21 11.05 7.58 4.74
CA ILE A 21 10.65 9.00 4.53
C ILE A 21 10.30 9.50 5.94
N TYR A 22 10.86 10.64 6.37
CA TYR A 22 10.50 11.23 7.67
C TYR A 22 9.26 12.12 7.48
N ALA A 23 8.38 12.18 8.49
CA ALA A 23 7.18 12.99 8.38
C ALA A 23 7.43 14.50 8.64
N MET A 24 8.36 14.83 9.50
CA MET A 24 8.72 16.22 9.78
C MET A 24 7.48 17.04 10.12
N PRO A 25 6.78 16.66 11.20
CA PRO A 25 5.69 17.51 11.67
C PRO A 25 6.30 18.87 12.04
N ASP A 26 5.59 19.95 11.74
CA ASP A 26 6.12 21.30 11.90
C ASP A 26 6.21 21.63 13.39
N PRO A 27 7.43 21.83 13.91
CA PRO A 27 7.59 22.00 15.35
C PRO A 27 7.13 23.37 15.84
N THR A 28 6.79 24.27 14.93
CA THR A 28 6.34 25.62 15.28
C THR A 28 4.82 25.67 15.39
N VAL A 29 4.15 24.60 14.95
CA VAL A 29 2.70 24.57 14.87
C VAL A 29 2.12 23.90 16.10
N PRO A 30 1.11 24.53 16.74
CA PRO A 30 0.51 23.88 17.88
C PRO A 30 -0.15 22.54 17.51
N ASP A 31 -0.01 21.54 18.37
CA ASP A 31 -0.64 20.23 18.11
C ASP A 31 -2.16 20.43 18.04
N SER A 32 -2.76 19.79 17.04
CA SER A 32 -4.18 19.91 16.76
C SER A 32 -4.55 18.82 15.77
N ASP A 33 -5.85 18.62 15.56
CA ASP A 33 -6.30 17.71 14.52
C ASP A 33 -5.82 18.17 13.15
N ILE A 34 -5.86 19.47 12.89
CA ILE A 34 -5.40 20.03 11.63
C ILE A 34 -3.91 19.74 11.39
N LYS A 35 -3.07 19.93 12.39
CA LYS A 35 -1.65 19.64 12.27
C LYS A 35 -1.43 18.16 11.95
N ALA A 36 -2.13 17.27 12.64
CA ALA A 36 -1.97 15.84 12.35
C ALA A 36 -2.34 15.50 10.91
N LEU A 37 -3.48 16.02 10.47
CA LEU A 37 -3.94 15.75 9.10
C LEU A 37 -2.99 16.34 8.06
N THR A 38 -2.51 17.56 8.30
CA THR A 38 -1.49 18.17 7.43
C THR A 38 -0.25 17.32 7.31
N THR A 39 0.26 16.86 8.44
CA THR A 39 1.44 16.03 8.49
C THR A 39 1.22 14.76 7.65
N LEU A 40 0.09 14.10 7.86
CA LEU A 40 -0.23 12.86 7.11
C LEU A 40 -0.40 13.10 5.61
N CYS A 41 -1.08 14.19 5.24
CA CYS A 41 -1.23 14.57 3.83
C CYS A 41 0.11 14.77 3.17
N ASP A 42 1.00 15.51 3.84
N ASP A 42 0.98 15.54 3.82
CA ASP A 42 2.35 15.81 3.30
CA ASP A 42 2.26 15.79 3.24
C ASP A 42 3.27 14.59 3.23
C ASP A 42 3.05 14.49 3.09
N LEU A 43 3.04 13.66 4.13
CA LEU A 43 3.78 12.43 4.15
C LEU A 43 3.31 11.61 2.96
N ALA A 44 1.99 11.44 2.84
CA ALA A 44 1.39 10.60 1.76
C ALA A 44 1.77 11.11 0.38
N ASP A 45 1.74 12.42 0.18
CA ASP A 45 2.07 12.97 -1.13
C ASP A 45 3.47 12.58 -1.54
N ARG A 46 4.42 12.68 -0.61
CA ARG A 46 5.77 12.27 -0.87
C ARG A 46 5.85 10.77 -1.11
N GLU A 47 5.12 9.99 -0.31
CA GLU A 47 5.09 8.53 -0.50
C GLU A 47 4.53 8.16 -1.88
N LEU A 48 3.48 8.85 -2.32
CA LEU A 48 2.86 8.55 -3.61
C LEU A 48 3.83 8.74 -4.77
N VAL A 49 4.64 9.80 -4.71
CA VAL A 49 5.66 9.98 -5.75
C VAL A 49 6.57 8.77 -5.86
N VAL A 50 7.05 8.25 -4.73
N VAL A 50 7.00 8.29 -4.72
CA VAL A 50 7.98 7.12 -4.75
CA VAL A 50 7.93 7.19 -4.64
C VAL A 50 7.27 5.80 -5.04
C VAL A 50 7.23 5.93 -5.16
N ILE A 51 6.00 5.71 -4.69
CA ILE A 51 5.19 4.55 -5.10
C ILE A 51 5.07 4.44 -6.62
N ILE A 52 4.80 5.55 -7.29
CA ILE A 52 4.77 5.56 -8.76
C ILE A 52 6.10 5.05 -9.35
N GLY A 53 7.23 5.51 -8.82
CA GLY A 53 8.52 5.03 -9.29
C GLY A 53 8.74 3.55 -9.01
N TRP A 54 8.32 3.12 -7.82
CA TRP A 54 8.40 1.74 -7.42
C TRP A 54 7.62 0.83 -8.34
N ALA A 55 6.41 1.26 -8.74
CA ALA A 55 5.55 0.37 -9.57
C ALA A 55 6.21 0.06 -10.91
N LYS A 56 6.99 1.01 -11.40
CA LYS A 56 7.68 0.82 -12.67
C LYS A 56 8.70 -0.33 -12.62
N HIS A 57 9.14 -0.70 -11.43
CA HIS A 57 10.02 -1.85 -11.27
C HIS A 57 9.32 -3.21 -11.32
N ILE A 58 8.00 -3.22 -11.18
CA ILE A 58 7.28 -4.48 -11.12
C ILE A 58 7.20 -5.09 -12.52
N PRO A 59 7.67 -6.35 -12.68
CA PRO A 59 7.69 -6.93 -14.03
C PRO A 59 6.34 -6.89 -14.73
N GLY A 60 6.30 -6.24 -15.88
CA GLY A 60 5.10 -6.14 -16.68
C GLY A 60 4.26 -4.90 -16.48
N PHE A 61 4.46 -4.20 -15.36
CA PHE A 61 3.65 -3.02 -15.09
C PHE A 61 3.84 -1.91 -16.15
N SER A 62 5.07 -1.62 -16.51
N SER A 62 5.08 -1.54 -16.44
CA SER A 62 5.35 -0.57 -17.50
CA SER A 62 5.38 -0.38 -17.31
C SER A 62 4.81 -0.90 -18.90
C SER A 62 5.11 -0.66 -18.78
N THR A 63 4.63 -2.19 -19.21
N THR A 63 4.68 -1.90 -19.04
CA THR A 63 4.16 -2.55 -20.55
CA THR A 63 4.27 -2.36 -20.37
C THR A 63 2.66 -2.43 -20.68
C THR A 63 2.78 -2.14 -20.64
N LEU A 64 1.97 -2.15 -19.57
CA LEU A 64 0.55 -1.79 -19.66
C LEU A 64 0.43 -0.41 -20.27
N SER A 65 -0.74 -0.08 -20.81
CA SER A 65 -1.00 1.26 -21.27
C SER A 65 -0.90 2.22 -20.11
N LEU A 66 -0.62 3.49 -20.40
N LEU A 66 -0.61 3.49 -20.41
CA LEU A 66 -0.56 4.50 -19.35
CA LEU A 66 -0.57 4.53 -19.37
C LEU A 66 -1.90 4.59 -18.62
C LEU A 66 -1.90 4.56 -18.61
N ALA A 67 -3.00 4.47 -19.36
CA ALA A 67 -4.32 4.46 -18.78
C ALA A 67 -4.49 3.31 -17.74
N ASP A 68 -4.04 2.12 -18.10
CA ASP A 68 -4.12 0.97 -17.16
C ASP A 68 -3.18 1.13 -15.95
N GLN A 69 -1.98 1.63 -16.19
CA GLN A 69 -1.08 1.94 -15.07
C GLN A 69 -1.75 2.91 -14.11
N MET A 70 -2.35 3.96 -14.66
N MET A 70 -2.36 3.96 -14.65
N MET A 70 -2.34 3.96 -14.66
CA MET A 70 -3.04 4.98 -13.84
CA MET A 70 -3.02 4.97 -13.83
CA MET A 70 -3.05 4.97 -13.87
C MET A 70 -4.21 4.37 -13.08
C MET A 70 -4.21 4.37 -13.09
C MET A 70 -4.19 4.35 -13.08
N SER A 71 -4.96 3.49 -13.76
CA SER A 71 -6.13 2.86 -13.15
C SER A 71 -5.75 2.01 -11.96
N LEU A 72 -4.71 1.20 -12.13
CA LEU A 72 -4.23 0.35 -11.05
C LEU A 72 -3.80 1.22 -9.89
N LEU A 73 -2.99 2.24 -10.17
CA LEU A 73 -2.54 3.14 -9.11
C LEU A 73 -3.69 3.87 -8.40
N GLN A 74 -4.66 4.38 -9.18
N GLN A 74 -4.67 4.34 -9.17
CA GLN A 74 -5.85 5.05 -8.64
CA GLN A 74 -5.81 5.08 -8.62
C GLN A 74 -6.57 4.16 -7.64
C GLN A 74 -6.74 4.21 -7.75
N SER A 75 -6.74 2.90 -8.01
CA SER A 75 -7.48 1.98 -7.19
C SER A 75 -6.69 1.47 -5.98
N ALA A 76 -5.37 1.38 -6.10
CA ALA A 76 -4.55 0.72 -5.08
C ALA A 76 -3.82 1.64 -4.11
N TRP A 77 -3.73 2.94 -4.43
CA TRP A 77 -2.76 3.78 -3.72
C TRP A 77 -2.93 3.76 -2.20
N MET A 78 -4.17 3.80 -1.72
CA MET A 78 -4.40 3.83 -0.28
C MET A 78 -4.07 2.49 0.37
N GLU A 79 -4.33 1.37 -0.33
CA GLU A 79 -3.89 0.07 0.19
C GLU A 79 -2.38 0.00 0.35
N ILE A 80 -1.65 0.56 -0.62
CA ILE A 80 -0.21 0.49 -0.58
C ILE A 80 0.32 1.35 0.59
N LEU A 81 -0.27 2.52 0.77
CA LEU A 81 0.13 3.39 1.90
C LEU A 81 -0.14 2.67 3.21
N ILE A 82 -1.34 2.08 3.33
CA ILE A 82 -1.73 1.44 4.57
C ILE A 82 -0.87 0.22 4.86
N LEU A 83 -0.63 -0.62 3.84
CA LEU A 83 0.22 -1.78 4.08
C LEU A 83 1.62 -1.38 4.56
N GLY A 84 2.13 -0.24 4.08
CA GLY A 84 3.40 0.32 4.56
C GLY A 84 3.38 0.64 6.03
N VAL A 85 2.40 1.42 6.48
N VAL A 85 2.38 1.42 6.45
CA VAL A 85 2.34 1.75 7.91
CA VAL A 85 2.17 1.78 7.86
C VAL A 85 2.11 0.49 8.77
C VAL A 85 2.12 0.52 8.71
N VAL A 86 1.29 -0.43 8.29
CA VAL A 86 1.13 -1.71 8.98
C VAL A 86 2.48 -2.40 9.17
N TYR A 87 3.24 -2.55 8.10
CA TYR A 87 4.50 -3.26 8.16
C TYR A 87 5.48 -2.56 9.12
N ARG A 88 5.51 -1.24 9.04
CA ARG A 88 6.42 -0.45 9.88
C ARG A 88 6.08 -0.58 11.36
N SER A 89 4.85 -1.01 11.66
CA SER A 89 4.36 -1.07 13.03
C SER A 89 4.40 -2.45 13.70
N LEU A 90 4.90 -3.47 13.01
CA LEU A 90 4.81 -4.84 13.52
C LEU A 90 5.54 -5.07 14.84
N SER A 91 6.62 -4.33 15.08
CA SER A 91 7.37 -4.53 16.31
C SER A 91 6.92 -3.58 17.45
N PHE A 92 5.87 -2.83 17.21
CA PHE A 92 5.32 -1.90 18.20
C PHE A 92 4.02 -2.45 18.77
N GLU A 93 3.51 -1.78 19.80
N GLU A 93 3.53 -1.83 19.85
CA GLU A 93 2.32 -2.24 20.52
CA GLU A 93 2.29 -2.29 20.48
C GLU A 93 1.30 -1.12 20.60
C GLU A 93 1.30 -1.15 20.61
N ASP A 94 0.17 -1.30 19.92
CA ASP A 94 -0.92 -0.32 19.92
C ASP A 94 -0.54 1.09 19.45
N GLU A 95 0.49 1.15 18.60
CA GLU A 95 0.96 2.40 18.02
C GLU A 95 1.25 2.17 16.55
N LEU A 96 1.05 3.21 15.75
CA LEU A 96 1.27 3.13 14.30
C LEU A 96 2.45 4.00 13.86
N VAL A 97 3.43 3.36 13.22
CA VAL A 97 4.65 4.03 12.78
C VAL A 97 4.45 4.59 11.37
N TYR A 98 3.79 5.73 11.29
CA TYR A 98 3.61 6.42 10.00
C TYR A 98 4.97 6.82 9.40
N ALA A 99 5.86 7.23 10.30
CA ALA A 99 7.27 7.46 10.01
C ALA A 99 8.06 7.35 11.31
N ASP A 100 9.40 7.30 11.23
CA ASP A 100 10.17 7.08 12.47
C ASP A 100 9.93 8.23 13.47
N ASP A 101 9.64 9.39 12.92
CA ASP A 101 9.36 10.60 13.70
C ASP A 101 7.87 10.95 13.77
N TYR A 102 7.01 9.97 13.49
CA TYR A 102 5.58 10.22 13.60
C TYR A 102 4.90 8.89 13.92
N ILE A 103 4.89 8.58 15.21
CA ILE A 103 4.30 7.35 15.73
C ILE A 103 3.03 7.73 16.49
N MET A 104 1.88 7.24 16.02
CA MET A 104 0.58 7.62 16.57
C MET A 104 0.07 6.60 17.59
N ASP A 105 -0.08 7.04 18.84
CA ASP A 105 -0.74 6.22 19.85
C ASP A 105 -2.23 6.54 19.90
N GLU A 106 -2.96 5.86 20.78
CA GLU A 106 -4.40 6.01 20.82
C GLU A 106 -4.82 7.46 21.08
N ASP A 107 -4.13 8.13 22.01
CA ASP A 107 -4.47 9.51 22.31
C ASP A 107 -4.30 10.40 21.08
N GLN A 108 -3.22 10.21 20.34
CA GLN A 108 -3.02 10.99 19.13
C GLN A 108 -4.09 10.71 18.09
N SER A 109 -4.49 9.45 17.95
CA SER A 109 -5.50 9.11 16.97
C SER A 109 -6.83 9.75 17.31
N LYS A 110 -7.18 9.71 18.58
CA LYS A 110 -8.39 10.39 19.07
C LYS A 110 -8.34 11.87 18.71
N LEU A 111 -7.23 12.51 19.01
CA LEU A 111 -7.04 13.92 18.71
C LEU A 111 -7.16 14.25 17.22
N ALA A 112 -6.66 13.37 16.35
CA ALA A 112 -6.75 13.56 14.89
C ALA A 112 -8.11 13.17 14.27
N GLY A 113 -9.02 12.60 15.05
CA GLY A 113 -10.28 12.10 14.52
C GLY A 113 -10.12 10.80 13.77
N LEU A 114 -9.04 10.07 14.05
CA LEU A 114 -8.70 8.85 13.31
C LEU A 114 -8.79 7.59 14.18
N LEU A 115 -9.52 7.63 15.29
CA LEU A 115 -9.54 6.47 16.17
C LEU A 115 -10.04 5.21 15.45
N ASP A 116 -11.17 5.32 14.76
CA ASP A 116 -11.78 4.16 14.14
C ASP A 116 -10.86 3.62 13.05
N LEU A 117 -10.31 4.53 12.26
CA LEU A 117 -9.47 4.15 11.14
C LEU A 117 -8.15 3.55 11.62
N ASN A 118 -7.49 4.22 12.55
CA ASN A 118 -6.25 3.66 13.09
C ASN A 118 -6.48 2.36 13.85
N ASN A 119 -7.62 2.21 14.51
CA ASN A 119 -7.95 0.91 15.10
C ASN A 119 -8.09 -0.22 14.09
N ALA A 120 -8.67 0.08 12.93
CA ALA A 120 -8.75 -0.91 11.85
C ALA A 120 -7.36 -1.26 11.34
N ILE A 121 -6.50 -0.25 11.22
CA ILE A 121 -5.12 -0.49 10.80
C ILE A 121 -4.40 -1.36 11.82
N LEU A 122 -4.64 -1.13 13.12
CA LEU A 122 -4.06 -1.97 14.15
C LEU A 122 -4.56 -3.42 14.12
N GLN A 123 -5.76 -3.61 13.59
CA GLN A 123 -6.31 -4.94 13.39
C GLN A 123 -5.48 -5.68 12.34
N LEU A 124 -5.11 -4.98 11.25
CA LEU A 124 -4.20 -5.54 10.25
C LEU A 124 -2.88 -5.93 10.89
N VAL A 125 -2.36 -5.02 11.71
CA VAL A 125 -1.10 -5.27 12.41
C VAL A 125 -1.20 -6.53 13.26
N LYS A 126 -2.25 -6.63 14.06
CA LYS A 126 -2.46 -7.79 14.92
C LYS A 126 -2.34 -9.10 14.16
N LYS A 127 -3.03 -9.19 13.03
CA LYS A 127 -3.04 -10.43 12.25
C LYS A 127 -1.67 -10.73 11.69
N TYR A 128 -1.00 -9.71 11.16
CA TYR A 128 0.34 -9.93 10.60
C TYR A 128 1.40 -10.28 11.67
N LYS A 129 1.25 -9.75 12.88
CA LYS A 129 2.13 -10.15 13.98
C LYS A 129 2.00 -11.65 14.26
N SER A 130 0.77 -12.12 14.38
N SER A 130 0.77 -12.14 14.35
CA SER A 130 0.49 -13.54 14.62
CA SER A 130 0.52 -13.56 14.65
C SER A 130 1.08 -14.42 13.52
C SER A 130 0.95 -14.48 13.50
N MET A 131 0.96 -13.95 12.28
CA MET A 131 1.44 -14.69 11.11
C MET A 131 2.94 -14.56 10.91
N LYS A 132 3.59 -13.67 11.66
CA LYS A 132 5.02 -13.38 11.53
C LYS A 132 5.36 -12.96 10.11
N LEU A 133 4.67 -11.92 9.66
CA LEU A 133 4.86 -11.39 8.32
C LEU A 133 6.32 -10.98 8.09
N GLU A 134 6.90 -11.51 7.02
CA GLU A 134 8.28 -11.22 6.65
C GLU A 134 8.34 -10.08 5.62
N LYS A 135 9.49 -9.41 5.52
CA LYS A 135 9.64 -8.35 4.54
C LYS A 135 9.36 -8.86 3.10
N GLU A 136 9.84 -10.04 2.80
CA GLU A 136 9.64 -10.64 1.49
C GLU A 136 8.15 -10.76 1.16
N GLU A 137 7.39 -11.11 2.17
CA GLU A 137 5.94 -11.32 2.02
C GLU A 137 5.23 -9.97 1.89
N PHE A 138 5.64 -9.02 2.70
CA PHE A 138 5.16 -7.65 2.61
C PHE A 138 5.31 -7.04 1.22
N VAL A 139 6.52 -7.09 0.67
CA VAL A 139 6.73 -6.43 -0.62
C VAL A 139 5.94 -7.13 -1.72
N THR A 140 5.78 -8.43 -1.57
CA THR A 140 5.05 -9.22 -2.58
C THR A 140 3.56 -8.88 -2.48
N LEU A 141 3.04 -8.80 -1.27
CA LEU A 141 1.63 -8.42 -1.08
C LEU A 141 1.34 -7.02 -1.57
N LYS A 142 2.28 -6.08 -1.41
CA LYS A 142 2.08 -4.73 -1.94
C LYS A 142 1.89 -4.77 -3.45
N ALA A 143 2.75 -5.53 -4.12
CA ALA A 143 2.65 -5.67 -5.56
C ALA A 143 1.33 -6.35 -5.97
N ILE A 144 0.97 -7.41 -5.24
CA ILE A 144 -0.32 -8.09 -5.50
C ILE A 144 -1.49 -7.14 -5.31
N ALA A 145 -1.45 -6.33 -4.24
CA ALA A 145 -2.53 -5.37 -4.00
C ALA A 145 -2.65 -4.37 -5.14
N LEU A 146 -1.53 -3.94 -5.71
CA LEU A 146 -1.57 -3.08 -6.88
C LEU A 146 -2.27 -3.78 -8.06
N ALA A 147 -1.82 -4.98 -8.38
CA ALA A 147 -2.31 -5.70 -9.55
C ALA A 147 -3.76 -6.17 -9.38
N ASN A 148 -4.14 -6.46 -8.14
CA ASN A 148 -5.48 -6.97 -7.82
C ASN A 148 -6.47 -5.91 -7.35
N SER A 149 -6.25 -4.64 -7.70
CA SER A 149 -7.00 -3.57 -7.08
C SER A 149 -8.41 -3.33 -7.63
N ASP A 150 -8.79 -4.05 -8.68
CA ASP A 150 -10.21 -4.11 -9.11
C ASP A 150 -10.76 -2.80 -9.65
N SER A 151 -9.92 -2.10 -10.42
CA SER A 151 -10.39 -0.91 -11.10
C SER A 151 -11.51 -1.26 -12.05
N MET A 152 -12.54 -0.42 -12.13
N MET A 152 -12.51 -0.39 -12.09
N MET A 152 -12.52 -0.39 -12.09
CA MET A 152 -13.62 -0.64 -13.09
CA MET A 152 -13.65 -0.51 -13.00
CA MET A 152 -13.65 -0.53 -13.02
C MET A 152 -13.33 -0.05 -14.46
C MET A 152 -13.24 -0.25 -14.46
C MET A 152 -13.24 -0.25 -14.47
N HIS A 153 -12.11 0.43 -14.66
CA HIS A 153 -11.76 1.04 -15.95
C HIS A 153 -10.61 0.39 -16.73
N ILE A 154 -10.30 -0.87 -16.46
CA ILE A 154 -9.19 -1.52 -17.12
C ILE A 154 -9.43 -1.76 -18.61
N GLU A 155 -8.43 -1.43 -19.44
CA GLU A 155 -8.49 -1.64 -20.90
C GLU A 155 -8.17 -3.08 -21.25
N ASP A 156 -7.04 -3.56 -20.74
CA ASP A 156 -6.53 -4.87 -21.11
C ASP A 156 -6.68 -5.78 -19.89
N VAL A 157 -7.89 -6.31 -19.72
CA VAL A 157 -8.23 -7.17 -18.60
C VAL A 157 -7.29 -8.39 -18.53
N GLU A 158 -6.98 -8.96 -19.68
CA GLU A 158 -6.12 -10.12 -19.76
C GLU A 158 -4.68 -9.82 -19.28
N ALA A 159 -4.12 -8.70 -19.69
CA ALA A 159 -2.74 -8.35 -19.29
C ALA A 159 -2.68 -8.11 -17.77
N VAL A 160 -3.72 -7.49 -17.22
CA VAL A 160 -3.77 -7.26 -15.77
C VAL A 160 -3.90 -8.60 -15.00
N GLN A 161 -4.63 -9.54 -15.58
N GLN A 161 -4.82 -9.45 -15.45
CA GLN A 161 -4.67 -10.89 -15.02
CA GLN A 161 -5.03 -10.74 -14.78
C GLN A 161 -3.30 -11.58 -15.09
C GLN A 161 -3.74 -11.52 -14.78
N LYS A 162 -2.57 -11.41 -16.20
N LYS A 162 -2.94 -11.30 -15.82
CA LYS A 162 -1.27 -12.02 -16.29
CA LYS A 162 -1.66 -11.99 -16.04
C LYS A 162 -0.35 -11.46 -15.21
C LYS A 162 -0.56 -11.48 -15.10
N LEU A 163 -0.46 -10.17 -14.96
CA LEU A 163 0.35 -9.53 -13.91
C LEU A 163 -0.01 -10.10 -12.53
N GLN A 164 -1.30 -10.20 -12.24
CA GLN A 164 -1.75 -10.86 -10.99
C GLN A 164 -1.14 -12.26 -10.90
N ASP A 165 -1.23 -13.01 -12.01
N ASP A 165 -1.22 -13.03 -11.99
CA ASP A 165 -0.74 -14.38 -12.07
CA ASP A 165 -0.73 -14.40 -11.93
C ASP A 165 0.74 -14.48 -11.74
C ASP A 165 0.77 -14.49 -11.70
N VAL A 166 1.54 -13.61 -12.33
CA VAL A 166 2.96 -13.59 -12.16
C VAL A 166 3.36 -13.34 -10.69
N LEU A 167 2.66 -12.41 -10.06
CA LEU A 167 2.95 -12.05 -8.67
C LEU A 167 2.46 -13.10 -7.67
N HIS A 168 1.28 -13.64 -7.92
CA HIS A 168 0.77 -14.77 -7.15
C HIS A 168 1.72 -15.96 -7.23
N GLU A 169 2.20 -16.27 -8.44
CA GLU A 169 3.19 -17.33 -8.61
C GLU A 169 4.43 -17.07 -7.78
N ALA A 170 4.90 -15.83 -7.73
CA ALA A 170 6.09 -15.49 -6.93
C ALA A 170 5.86 -15.75 -5.44
N LEU A 171 4.71 -15.33 -4.95
CA LEU A 171 4.36 -15.59 -3.56
C LEU A 171 4.29 -17.10 -3.29
N GLN A 172 3.62 -17.84 -4.16
CA GLN A 172 3.49 -19.28 -3.95
C GLN A 172 4.86 -19.97 -3.95
N ASP A 173 5.72 -19.59 -4.89
N ASP A 173 5.71 -19.59 -4.91
CA ASP A 173 7.06 -20.17 -4.98
CA ASP A 173 7.09 -20.10 -5.00
C ASP A 173 7.90 -19.81 -3.75
C ASP A 173 7.86 -19.81 -3.72
N TYR A 174 7.83 -18.56 -3.30
CA TYR A 174 8.46 -18.16 -2.04
C TYR A 174 8.02 -19.03 -0.89
N GLU A 175 6.71 -19.19 -0.72
CA GLU A 175 6.21 -19.92 0.43
C GLU A 175 6.54 -21.41 0.35
N ALA A 176 6.58 -21.94 -0.86
CA ALA A 176 6.89 -23.35 -1.09
C ALA A 176 8.32 -23.66 -0.66
N GLY A 177 9.22 -22.73 -0.91
CA GLY A 177 10.63 -22.89 -0.53
C GLY A 177 10.94 -22.54 0.92
N GLN A 178 10.32 -21.47 1.42
N GLN A 178 10.30 -21.49 1.43
CA GLN A 178 10.66 -20.89 2.73
CA GLN A 178 10.67 -20.91 2.72
C GLN A 178 9.85 -21.48 3.87
C GLN A 178 9.80 -21.34 3.89
N HIS A 179 8.61 -21.90 3.58
CA HIS A 179 7.66 -22.29 4.63
C HIS A 179 7.02 -23.66 4.38
N MET A 180 7.87 -24.67 4.29
N MET A 180 7.89 -24.65 4.31
CA MET A 180 7.39 -26.01 4.04
CA MET A 180 7.51 -26.03 4.10
C MET A 180 6.55 -26.56 5.20
C MET A 180 6.60 -26.58 5.21
N GLU A 181 6.69 -25.98 6.40
CA GLU A 181 5.89 -26.40 7.55
C GLU A 181 4.42 -26.04 7.40
N ASP A 182 4.11 -25.12 6.50
CA ASP A 182 2.73 -24.72 6.26
C ASP A 182 2.47 -24.60 4.75
N PRO A 183 2.04 -25.69 4.11
CA PRO A 183 1.79 -25.69 2.69
C PRO A 183 0.69 -24.73 2.26
N ARG A 184 -0.05 -24.17 3.21
CA ARG A 184 -1.14 -23.24 2.88
C ARG A 184 -0.80 -21.79 3.23
N ARG A 185 0.45 -21.51 3.57
CA ARG A 185 0.78 -20.14 3.97
C ARG A 185 0.51 -19.08 2.89
N ALA A 186 0.77 -19.39 1.63
CA ALA A 186 0.52 -18.40 0.56
C ALA A 186 -0.97 -18.00 0.58
N GLY A 187 -1.84 -18.99 0.65
CA GLY A 187 -3.30 -18.72 0.72
C GLY A 187 -3.70 -17.93 1.95
N LYS A 188 -3.07 -18.22 3.08
CA LYS A 188 -3.30 -17.42 4.30
C LYS A 188 -2.94 -15.96 4.07
N MET A 189 -1.80 -15.72 3.40
CA MET A 189 -1.41 -14.38 3.04
C MET A 189 -2.44 -13.72 2.13
N LEU A 190 -2.92 -14.45 1.14
CA LEU A 190 -3.93 -13.90 0.27
C LEU A 190 -5.20 -13.57 1.05
N MET A 191 -5.52 -14.38 2.06
CA MET A 191 -6.73 -14.17 2.85
C MET A 191 -6.66 -12.95 3.77
N THR A 192 -5.48 -12.32 3.87
CA THR A 192 -5.37 -11.05 4.59
C THR A 192 -5.77 -9.83 3.74
N LEU A 193 -5.88 -10.01 2.42
CA LEU A 193 -6.16 -8.90 1.51
C LEU A 193 -7.55 -8.27 1.70
N PRO A 194 -8.58 -9.10 2.02
CA PRO A 194 -9.89 -8.45 2.25
C PRO A 194 -9.88 -7.37 3.34
N LEU A 195 -9.25 -7.63 4.47
CA LEU A 195 -9.22 -6.60 5.53
C LEU A 195 -8.48 -5.35 5.08
N LEU A 196 -7.40 -5.55 4.31
CA LEU A 196 -6.71 -4.39 3.71
C LEU A 196 -7.62 -3.58 2.80
N ARG A 197 -8.38 -4.26 1.94
CA ARG A 197 -9.35 -3.61 1.06
C ARG A 197 -10.44 -2.87 1.87
N GLN A 198 -10.96 -3.54 2.89
CA GLN A 198 -11.99 -2.95 3.74
C GLN A 198 -11.44 -1.68 4.39
N THR A 199 -10.25 -1.76 4.95
CA THR A 199 -9.68 -0.63 5.67
C THR A 199 -9.40 0.55 4.70
N SER A 200 -8.84 0.24 3.54
N SER A 200 -8.89 0.24 3.53
CA SER A 200 -8.59 1.24 2.49
CA SER A 200 -8.59 1.29 2.55
C SER A 200 -9.90 1.92 2.08
C SER A 200 -9.86 1.89 1.93
N THR A 201 -10.95 1.12 1.87
CA THR A 201 -12.24 1.63 1.41
C THR A 201 -12.75 2.67 2.41
N LYS A 202 -12.64 2.35 3.68
N LYS A 202 -12.65 2.34 3.70
CA LYS A 202 -13.08 3.28 4.73
CA LYS A 202 -13.07 3.26 4.77
C LYS A 202 -12.19 4.51 4.77
C LYS A 202 -12.17 4.48 4.92
N ALA A 203 -10.88 4.31 4.61
CA ALA A 203 -9.93 5.43 4.64
C ALA A 203 -10.21 6.40 3.49
N VAL A 204 -10.47 5.87 2.31
CA VAL A 204 -10.75 6.72 1.15
C VAL A 204 -12.06 7.49 1.36
N GLN A 205 -13.07 6.82 1.92
CA GLN A 205 -14.35 7.48 2.19
C GLN A 205 -14.09 8.64 3.14
N HIS A 206 -13.31 8.38 4.19
CA HIS A 206 -12.97 9.43 5.17
C HIS A 206 -12.19 10.57 4.51
N PHE A 207 -11.23 10.21 3.67
CA PHE A 207 -10.41 11.16 2.89
C PHE A 207 -11.26 12.15 2.08
N TYR A 208 -12.29 11.64 1.40
CA TYR A 208 -13.19 12.52 0.64
C TYR A 208 -14.19 13.26 1.52
N ASN A 209 -14.68 12.59 2.58
CA ASN A 209 -15.62 13.24 3.52
C ASN A 209 -15.06 14.52 4.14
N ILE A 210 -13.76 14.55 4.44
CA ILE A 210 -13.13 15.73 5.03
C ILE A 210 -12.28 16.53 4.04
N LYS A 211 -12.47 16.24 2.75
CA LYS A 211 -11.94 17.07 1.67
C LYS A 211 -10.42 17.24 1.71
N LEU A 212 -9.69 16.14 1.88
CA LEU A 212 -8.22 16.20 1.88
C LEU A 212 -7.64 16.13 0.46
N GLU A 213 -8.48 15.87 -0.53
CA GLU A 213 -8.01 15.71 -1.91
C GLU A 213 -7.41 17.00 -2.47
N GLY A 214 -7.94 18.14 -2.06
CA GLY A 214 -7.41 19.44 -2.47
C GLY A 214 -7.93 19.87 -3.83
N LYS A 215 -7.38 20.98 -4.31
CA LYS A 215 -7.89 21.67 -5.50
C LYS A 215 -7.73 20.88 -6.80
N VAL A 216 -6.70 20.04 -6.87
CA VAL A 216 -6.39 19.28 -8.09
C VAL A 216 -6.77 17.81 -7.92
N PRO A 217 -7.53 17.23 -8.88
CA PRO A 217 -7.96 15.84 -8.73
C PRO A 217 -6.79 14.85 -8.70
N MET A 218 -6.99 13.71 -8.05
CA MET A 218 -5.96 12.68 -7.92
C MET A 218 -5.58 12.08 -9.27
N HIS A 219 -6.51 12.09 -10.23
CA HIS A 219 -6.27 11.49 -11.56
C HIS A 219 -5.13 12.21 -12.26
N LYS A 220 -5.23 13.54 -12.30
CA LYS A 220 -4.20 14.36 -12.95
C LYS A 220 -2.85 14.23 -12.24
N LEU A 221 -2.89 14.04 -10.91
CA LEU A 221 -1.66 13.87 -10.14
C LEU A 221 -0.87 12.64 -10.57
N PHE A 222 -1.55 11.50 -10.74
CA PHE A 222 -0.90 10.28 -11.21
C PHE A 222 -0.43 10.45 -12.66
N LEU A 223 -1.16 11.24 -13.44
N LEU A 223 -1.14 11.26 -13.42
CA LEU A 223 -0.77 11.51 -14.82
CA LEU A 223 -0.74 11.59 -14.79
C LEU A 223 0.58 12.21 -14.85
C LEU A 223 0.55 12.39 -14.78
N GLU A 224 0.61 13.44 -14.35
N GLU A 224 0.53 13.50 -14.05
CA GLU A 224 1.84 14.21 -14.28
CA GLU A 224 1.71 14.38 -13.97
C GLU A 224 3.00 13.27 -13.93
C GLU A 224 2.95 13.63 -13.52
N MET A 225 2.88 12.56 -12.82
N MET A 225 2.76 12.48 -12.89
CA MET A 225 3.97 11.73 -12.31
CA MET A 225 3.87 11.74 -12.30
C MET A 225 4.32 10.54 -13.21
C MET A 225 4.27 10.54 -13.15
N LEU A 226 3.33 10.03 -13.95
CA LEU A 226 3.60 8.89 -14.83
C LEU A 226 4.13 9.31 -16.20
N GLU A 227 3.52 10.33 -16.80
CA GLU A 227 3.93 10.85 -18.11
C GLU A 227 5.42 11.21 -18.14
C10 OHT B . -4.88 6.60 7.63
C9 OHT B . -4.00 7.83 7.58
C8 OHT B . -4.17 8.66 6.35
C11 OHT B . -5.48 9.28 6.29
C16 OHT B . -5.90 10.32 7.10
C15 OHT B . -7.18 10.83 6.96
C14 OHT B . -8.05 10.30 6.04
C13 OHT B . -7.63 9.25 5.23
C12 OHT B . -6.37 8.76 5.38
C7 OHT B . -3.26 8.82 5.37
C1 OHT B . -1.96 8.13 5.32
C2 OHT B . -0.76 8.80 5.12
C3 OHT B . 0.43 8.13 5.04
C4 OHT B . 0.47 6.76 5.11
O4 OHT B . 1.68 6.10 5.00
C5 OHT B . -0.72 6.05 5.29
C6 OHT B . -1.91 6.75 5.38
C17 OHT B . -3.47 9.68 4.20
C18 OHT B . -3.30 9.24 2.89
C19 OHT B . -3.47 10.11 1.83
C20 OHT B . -3.78 11.44 2.04
O20 OHT B . -3.99 12.39 1.04
C23 OHT B . -3.00 12.46 0.03
C24 OHT B . -3.59 13.28 -1.11
N24 OHT B . -3.00 14.65 -1.10
C25 OHT B . -3.39 15.42 0.12
C26 OHT B . -3.26 15.37 -2.36
C21 OHT B . -3.94 11.88 3.33
C22 OHT B . -3.77 11.01 4.39
#